data_8ENS
#
_entry.id   8ENS
#
_cell.length_a   74.966
_cell.length_b   51.359
_cell.length_c   85.276
_cell.angle_alpha   90.000
_cell.angle_beta   101.670
_cell.angle_gamma   90.000
#
_symmetry.space_group_name_H-M   'C 1 2 1'
#
loop_
_entity.id
_entity.type
_entity.pdbx_description
1 polymer "Coatomer subunit beta'"
2 polymer 'spike tail hepta-peptide'
3 water water
#
loop_
_entity_poly.entity_id
_entity_poly.type
_entity_poly.pdbx_seq_one_letter_code
_entity_poly.pdbx_strand_id
1 'polypeptide(L)'
;SMKLDIKKTFSNRSDRVKGIDFHPTEPWVLTTLYSGRVEIWNYETQVEVRSIQVTETPVRAGKFIARKNWIIVGSDDFRI
RVFNYNTGEKVVDFEAHPDYIRSIAVHPTKPYVLSGSDDLTVKLWNWENNWALEQTFEGHEHFVMCVAFNPKDPSTFASG
CLDRTVKVWSLGQSTPNFTLTTGQERGVNYVDYYPLPDKPYMITASDDLTIKIWDYQTKSCVATLEGHMSNVSFAVFHPT
LPIIISGSEDGTLKIWNSSTYKVEKTLNVGLERSWCIATHPTGRKNYIASGFDNGFTVLSLG
;
A
2 'polypeptide(L)' GVKLHYT C
#
# COMPACT_ATOMS: atom_id res chain seq x y z
C SER A 1 19.23 -10.26 15.46
N MET A 2 18.88 -9.69 14.32
CA MET A 2 18.82 -10.41 13.05
C MET A 2 19.78 -9.77 12.06
N LYS A 3 20.56 -10.60 11.38
CA LYS A 3 21.45 -10.15 10.31
C LYS A 3 20.73 -10.24 8.97
N LEU A 4 20.79 -9.17 8.20
CA LEU A 4 20.22 -9.17 6.85
C LEU A 4 20.84 -10.33 6.07
N ASP A 5 20.03 -11.33 5.74
CA ASP A 5 20.47 -12.49 4.97
C ASP A 5 19.33 -12.75 3.99
N ILE A 6 19.33 -12.01 2.88
CA ILE A 6 18.15 -11.95 2.01
C ILE A 6 18.13 -13.17 1.10
N LYS A 7 17.02 -13.89 1.12
CA LYS A 7 16.84 -15.06 0.29
C LYS A 7 15.56 -14.93 -0.53
N LYS A 8 15.62 -15.36 -1.78
CA LYS A 8 14.44 -15.33 -2.65
C LYS A 8 13.59 -16.54 -2.35
N THR A 9 12.39 -16.31 -1.82
CA THR A 9 11.45 -17.38 -1.50
C THR A 9 10.69 -17.81 -2.75
N PHE A 10 10.22 -16.84 -3.53
CA PHE A 10 9.46 -17.16 -4.74
C PHE A 10 9.34 -15.90 -5.57
N SER A 11 9.69 -15.96 -6.85
CA SER A 11 9.46 -14.88 -7.78
C SER A 11 8.85 -15.50 -9.03
N ASN A 12 7.90 -14.79 -9.62
CA ASN A 12 7.27 -15.25 -10.86
C ASN A 12 7.00 -14.04 -11.74
N ARG A 13 7.02 -14.24 -13.04
CA ARG A 13 6.73 -13.16 -13.96
C ARG A 13 5.25 -13.08 -14.29
N SER A 14 4.81 -11.85 -14.59
CA SER A 14 3.43 -11.54 -14.91
C SER A 14 3.39 -10.15 -15.54
N ASP A 15 2.20 -9.74 -15.94
CA ASP A 15 1.99 -8.33 -16.27
C ASP A 15 2.22 -7.49 -15.02
N ARG A 16 2.30 -6.18 -15.24
CA ARG A 16 2.69 -5.26 -14.18
C ARG A 16 1.83 -5.39 -12.94
N VAL A 17 2.51 -5.56 -11.81
CA VAL A 17 1.87 -5.73 -10.51
C VAL A 17 1.73 -4.37 -9.84
N LYS A 18 0.50 -3.92 -9.66
CA LYS A 18 0.20 -2.62 -9.04
C LYS A 18 -0.15 -2.69 -7.56
N GLY A 19 -0.73 -3.81 -7.12
CA GLY A 19 -1.07 -4.00 -5.72
C GLY A 19 -0.61 -5.36 -5.26
N ILE A 20 -0.31 -5.47 -3.96
CA ILE A 20 0.20 -6.71 -3.40
C ILE A 20 -0.13 -6.74 -1.92
N ASP A 21 -0.35 -7.95 -1.40
CA ASP A 21 -0.72 -8.09 0.01
C ASP A 21 -0.43 -9.52 0.46
N PHE A 22 -0.06 -9.69 1.74
CA PHE A 22 0.11 -11.02 2.33
C PHE A 22 -1.13 -11.41 3.12
N HIS A 23 -1.47 -12.69 3.06
CA HIS A 23 -2.46 -13.26 3.97
C HIS A 23 -1.79 -13.47 5.33
N PRO A 24 -2.48 -13.17 6.43
CA PRO A 24 -1.83 -13.24 7.74
C PRO A 24 -1.62 -14.65 8.29
N THR A 25 -2.35 -15.66 7.82
CA THR A 25 -2.22 -17.00 8.39
C THR A 25 -1.93 -18.10 7.36
N GLU A 26 -2.32 -17.90 6.11
CA GLU A 26 -1.94 -18.78 5.01
C GLU A 26 -0.71 -18.23 4.31
N PRO A 27 0.16 -19.08 3.77
CA PRO A 27 1.38 -18.59 3.09
C PRO A 27 1.09 -18.11 1.68
N TRP A 28 0.23 -17.11 1.59
CA TRP A 28 -0.30 -16.63 0.34
C TRP A 28 0.06 -15.17 0.12
N VAL A 29 0.25 -14.81 -1.15
CA VAL A 29 0.38 -13.42 -1.58
C VAL A 29 -0.66 -13.16 -2.68
N LEU A 30 -1.33 -12.02 -2.58
CA LEU A 30 -2.25 -11.52 -3.61
C LEU A 30 -1.51 -10.49 -4.44
N THR A 31 -1.61 -10.61 -5.75
CA THR A 31 -1.13 -9.60 -6.68
C THR A 31 -2.29 -9.11 -7.52
N THR A 32 -2.31 -7.80 -7.77
CA THR A 32 -3.33 -7.19 -8.63
C THR A 32 -2.60 -6.50 -9.78
N LEU A 33 -3.04 -6.77 -11.01
CA LEU A 33 -2.27 -6.44 -12.20
C LEU A 33 -2.88 -5.33 -13.03
N TYR A 34 -2.02 -4.69 -13.82
CA TYR A 34 -2.44 -3.63 -14.71
C TYR A 34 -3.39 -4.15 -15.79
N SER A 35 -3.35 -5.45 -16.06
CA SER A 35 -4.19 -6.08 -17.06
C SER A 35 -5.61 -6.34 -16.59
N GLY A 36 -5.92 -6.10 -15.32
CA GLY A 36 -7.23 -6.45 -14.79
C GLY A 36 -7.32 -7.80 -14.14
N ARG A 37 -6.24 -8.57 -14.16
CA ARG A 37 -6.16 -9.88 -13.53
C ARG A 37 -5.66 -9.73 -12.10
N VAL A 38 -6.12 -10.62 -11.23
CA VAL A 38 -5.58 -10.77 -9.89
C VAL A 38 -5.21 -12.23 -9.66
N GLU A 39 -4.13 -12.45 -8.91
CA GLU A 39 -3.63 -13.78 -8.62
C GLU A 39 -3.37 -13.94 -7.14
N ILE A 40 -3.70 -15.11 -6.60
CA ILE A 40 -3.30 -15.50 -5.25
C ILE A 40 -2.34 -16.67 -5.36
N TRP A 41 -1.11 -16.51 -4.87
CA TRP A 41 -0.09 -17.55 -4.95
C TRP A 41 0.23 -18.06 -3.56
N ASN A 42 0.40 -19.38 -3.45
CA ASN A 42 1.03 -19.97 -2.28
C ASN A 42 2.54 -19.93 -2.54
N TYR A 43 3.25 -19.05 -1.82
CA TYR A 43 4.66 -18.85 -2.13
C TYR A 43 5.56 -19.92 -1.51
N GLU A 44 5.02 -20.78 -0.67
CA GLU A 44 5.80 -21.91 -0.15
C GLU A 44 5.75 -23.10 -1.10
N THR A 45 4.58 -23.44 -1.64
CA THR A 45 4.47 -24.51 -2.63
C THR A 45 4.63 -24.02 -4.07
N GLN A 46 4.60 -22.72 -4.30
CA GLN A 46 4.74 -22.12 -5.63
C GLN A 46 3.65 -22.59 -6.58
N VAL A 47 2.43 -22.63 -6.07
CA VAL A 47 1.24 -23.04 -6.80
C VAL A 47 0.17 -21.97 -6.64
N GLU A 48 -0.52 -21.67 -7.72
CA GLU A 48 -1.57 -20.68 -7.71
C GLU A 48 -2.80 -21.19 -6.96
N VAL A 49 -3.26 -20.43 -5.97
CA VAL A 49 -4.45 -20.76 -5.20
C VAL A 49 -5.71 -20.46 -6.00
N ARG A 50 -5.76 -19.27 -6.60
CA ARG A 50 -6.94 -18.78 -7.31
C ARG A 50 -6.50 -17.58 -8.14
N SER A 51 -7.11 -17.40 -9.29
CA SER A 51 -6.87 -16.20 -10.08
C SER A 51 -8.17 -15.84 -10.79
N ILE A 52 -8.33 -14.54 -11.05
CA ILE A 52 -9.57 -13.99 -11.56
C ILE A 52 -9.23 -12.91 -12.58
N GLN A 53 -9.87 -12.95 -13.75
CA GLN A 53 -9.85 -11.82 -14.66
C GLN A 53 -10.98 -10.90 -14.21
N VAL A 54 -10.65 -9.91 -13.39
CA VAL A 54 -11.66 -9.12 -12.70
C VAL A 54 -12.30 -8.11 -13.66
N THR A 55 -11.49 -7.53 -14.53
CA THR A 55 -11.86 -6.40 -15.36
C THR A 55 -10.81 -6.34 -16.46
N GLU A 56 -11.01 -5.45 -17.43
CA GLU A 56 -9.97 -5.17 -18.42
C GLU A 56 -9.16 -3.94 -18.07
N THR A 57 -9.51 -3.25 -17.03
CA THR A 57 -8.80 -2.07 -16.61
C THR A 57 -7.79 -2.41 -15.53
N PRO A 58 -6.83 -1.52 -15.25
CA PRO A 58 -5.87 -1.79 -14.17
C PRO A 58 -6.57 -1.95 -12.82
N VAL A 59 -6.06 -2.91 -12.05
CA VAL A 59 -6.48 -3.09 -10.66
C VAL A 59 -5.32 -2.60 -9.81
N ARG A 60 -5.40 -1.38 -9.27
CA ARG A 60 -4.28 -0.78 -8.55
C ARG A 60 -4.23 -1.14 -7.07
N ALA A 61 -5.32 -1.64 -6.52
CA ALA A 61 -5.39 -1.87 -5.10
C ALA A 61 -6.03 -3.22 -4.79
N GLY A 62 -5.44 -3.93 -3.84
CA GLY A 62 -5.98 -5.20 -3.40
C GLY A 62 -5.48 -5.54 -2.02
N LYS A 63 -6.40 -6.03 -1.18
CA LYS A 63 -6.08 -6.45 0.17
C LYS A 63 -6.86 -7.71 0.52
N PHE A 64 -6.26 -8.55 1.35
CA PHE A 64 -7.05 -9.59 2.01
C PHE A 64 -7.89 -8.99 3.13
N ILE A 65 -9.08 -9.58 3.32
CA ILE A 65 -9.85 -9.40 4.57
C ILE A 65 -10.00 -10.81 5.12
N ALA A 66 -8.99 -11.26 5.86
CA ALA A 66 -8.89 -12.67 6.23
C ALA A 66 -10.04 -13.11 7.12
N ARG A 67 -10.51 -12.23 8.00
CA ARG A 67 -11.56 -12.61 8.93
C ARG A 67 -12.91 -12.84 8.25
N LYS A 68 -13.05 -12.48 6.97
CA LYS A 68 -14.23 -12.77 6.18
C LYS A 68 -13.94 -13.69 4.99
N ASN A 69 -12.69 -14.17 4.88
CA ASN A 69 -12.24 -15.00 3.76
C ASN A 69 -12.42 -14.30 2.41
N TRP A 70 -12.12 -12.99 2.38
CA TRP A 70 -12.31 -12.20 1.18
C TRP A 70 -10.98 -11.61 0.69
N ILE A 71 -10.98 -11.27 -0.60
CA ILE A 71 -10.11 -10.22 -1.13
C ILE A 71 -10.99 -9.06 -1.55
N ILE A 72 -10.46 -7.86 -1.44
CA ILE A 72 -11.14 -6.65 -1.91
C ILE A 72 -10.19 -5.96 -2.88
N VAL A 73 -10.71 -5.56 -4.04
CA VAL A 73 -9.89 -4.98 -5.09
C VAL A 73 -10.57 -3.74 -5.64
N GLY A 74 -9.76 -2.79 -6.11
CA GLY A 74 -10.27 -1.57 -6.71
C GLY A 74 -9.55 -1.28 -8.00
N SER A 75 -10.30 -0.80 -9.00
CA SER A 75 -9.78 -0.71 -10.36
C SER A 75 -10.12 0.60 -11.05
N ASP A 76 -9.48 0.82 -12.20
CA ASP A 76 -9.61 2.08 -12.94
C ASP A 76 -10.96 2.22 -13.62
N ASP A 77 -11.77 1.17 -13.65
CA ASP A 77 -13.18 1.29 -14.03
C ASP A 77 -14.04 1.87 -12.93
N PHE A 78 -13.43 2.30 -11.83
CA PHE A 78 -14.06 3.03 -10.74
C PHE A 78 -14.72 2.13 -9.71
N ARG A 79 -14.55 0.80 -9.83
CA ARG A 79 -15.34 -0.14 -9.06
C ARG A 79 -14.52 -0.83 -7.97
N ILE A 80 -15.17 -1.06 -6.85
CA ILE A 80 -14.68 -1.96 -5.80
C ILE A 80 -15.39 -3.29 -5.97
N ARG A 81 -14.62 -4.37 -5.91
CA ARG A 81 -15.16 -5.72 -5.98
C ARG A 81 -14.57 -6.55 -4.85
N VAL A 82 -15.40 -7.43 -4.30
CA VAL A 82 -15.01 -8.30 -3.20
C VAL A 82 -15.31 -9.72 -3.62
N PHE A 83 -14.33 -10.61 -3.42
CA PHE A 83 -14.46 -12.01 -3.78
C PHE A 83 -14.12 -12.89 -2.60
N ASN A 84 -14.88 -13.98 -2.43
CA ASN A 84 -14.53 -14.98 -1.44
C ASN A 84 -13.44 -15.86 -2.05
N TYR A 85 -12.27 -15.93 -1.40
CA TYR A 85 -11.16 -16.64 -2.01
C TYR A 85 -11.28 -18.15 -1.88
N ASN A 86 -12.21 -18.66 -1.07
CA ASN A 86 -12.44 -20.09 -0.96
C ASN A 86 -13.44 -20.62 -1.97
N THR A 87 -14.39 -19.78 -2.39
CA THR A 87 -15.42 -20.21 -3.33
C THR A 87 -15.38 -19.49 -4.67
N GLY A 88 -14.72 -18.34 -4.75
CA GLY A 88 -14.75 -17.55 -5.95
C GLY A 88 -15.95 -16.64 -6.07
N GLU A 89 -16.89 -16.70 -5.13
CA GLU A 89 -18.09 -15.87 -5.21
C GLU A 89 -17.73 -14.39 -5.21
N LYS A 90 -18.34 -13.64 -6.13
CA LYS A 90 -18.27 -12.19 -6.10
C LYS A 90 -19.31 -11.70 -5.10
N VAL A 91 -18.83 -11.22 -3.96
CA VAL A 91 -19.68 -10.83 -2.84
C VAL A 91 -20.37 -9.51 -3.14
N VAL A 92 -19.64 -8.54 -3.69
CA VAL A 92 -20.20 -7.23 -4.02
C VAL A 92 -19.39 -6.64 -5.15
N ASP A 93 -20.00 -5.73 -5.90
CA ASP A 93 -19.39 -5.09 -7.06
C ASP A 93 -20.10 -3.76 -7.18
N PHE A 94 -19.43 -2.64 -6.85
CA PHE A 94 -20.09 -1.35 -6.88
C PHE A 94 -19.16 -0.26 -7.38
N GLU A 95 -19.74 0.77 -8.02
CA GLU A 95 -18.97 1.96 -8.33
C GLU A 95 -18.73 2.73 -7.04
N ALA A 96 -17.45 2.93 -6.72
CA ALA A 96 -17.04 3.59 -5.49
C ALA A 96 -16.76 5.07 -5.68
N HIS A 97 -16.21 5.45 -6.83
CA HIS A 97 -15.80 6.81 -7.13
C HIS A 97 -16.05 7.06 -8.61
N PRO A 98 -16.07 8.33 -9.03
CA PRO A 98 -16.19 8.59 -10.48
C PRO A 98 -14.84 8.70 -11.16
N ASP A 99 -13.80 8.12 -10.57
CA ASP A 99 -12.45 8.17 -11.12
C ASP A 99 -11.66 7.02 -10.51
N TYR A 100 -10.40 6.91 -10.93
CA TYR A 100 -9.56 5.78 -10.58
C TYR A 100 -9.47 5.61 -9.07
N ILE A 101 -9.40 4.36 -8.63
CA ILE A 101 -9.14 4.02 -7.23
C ILE A 101 -7.64 3.74 -7.10
N ARG A 102 -6.97 4.43 -6.20
CA ARG A 102 -5.53 4.29 -6.06
C ARG A 102 -5.12 3.38 -4.90
N SER A 103 -5.94 3.30 -3.87
CA SER A 103 -5.49 2.70 -2.62
C SER A 103 -6.69 2.24 -1.83
N ILE A 104 -6.57 1.09 -1.18
CA ILE A 104 -7.58 0.56 -0.27
C ILE A 104 -6.89 0.19 1.03
N ALA A 105 -7.51 0.54 2.17
CA ALA A 105 -7.07 0.11 3.48
C ALA A 105 -8.21 -0.52 4.25
N VAL A 106 -7.90 -1.53 5.05
CA VAL A 106 -8.88 -2.29 5.83
C VAL A 106 -8.61 -2.05 7.30
N HIS A 107 -9.65 -1.68 8.03
CA HIS A 107 -9.50 -1.44 9.46
C HIS A 107 -9.12 -2.75 10.15
N PRO A 108 -8.27 -2.72 11.19
CA PRO A 108 -7.82 -3.97 11.78
C PRO A 108 -8.90 -4.73 12.53
N THR A 109 -9.93 -4.06 13.06
CA THR A 109 -10.94 -4.77 13.84
C THR A 109 -12.37 -4.46 13.45
N LYS A 110 -12.63 -3.25 12.98
CA LYS A 110 -13.95 -2.80 12.62
C LYS A 110 -14.20 -3.03 11.14
N PRO A 111 -15.48 -3.15 10.71
CA PRO A 111 -15.79 -3.59 9.35
C PRO A 111 -15.72 -2.46 8.33
N TYR A 112 -14.60 -1.75 8.33
CA TYR A 112 -14.45 -0.54 7.56
C TYR A 112 -13.35 -0.70 6.52
N VAL A 113 -13.62 -0.21 5.33
CA VAL A 113 -12.64 -0.10 4.26
C VAL A 113 -12.57 1.35 3.84
N LEU A 114 -11.35 1.86 3.62
CA LEU A 114 -11.15 3.17 3.03
C LEU A 114 -10.68 3.00 1.60
N SER A 115 -11.19 3.84 0.70
CA SER A 115 -10.69 3.92 -0.67
C SER A 115 -10.25 5.36 -0.96
N GLY A 116 -9.08 5.53 -1.56
CA GLY A 116 -8.59 6.82 -1.98
C GLY A 116 -8.60 6.87 -3.50
N SER A 117 -8.97 8.02 -4.05
CA SER A 117 -9.28 8.13 -5.46
C SER A 117 -8.74 9.41 -6.09
N ASP A 118 -8.62 9.35 -7.42
CA ASP A 118 -8.35 10.54 -8.23
C ASP A 118 -9.47 11.56 -8.18
N ASP A 119 -10.63 11.20 -7.63
CA ASP A 119 -11.71 12.17 -7.45
C ASP A 119 -11.48 13.12 -6.29
N LEU A 120 -10.29 13.09 -5.68
CA LEU A 120 -9.85 14.01 -4.62
C LEU A 120 -10.33 13.61 -3.22
N THR A 121 -10.96 12.44 -3.06
CA THR A 121 -11.59 12.05 -1.81
C THR A 121 -11.05 10.73 -1.30
N VAL A 122 -11.33 10.51 -0.01
CA VAL A 122 -11.28 9.21 0.63
C VAL A 122 -12.71 8.85 1.01
N LYS A 123 -13.11 7.62 0.77
CA LYS A 123 -14.44 7.18 1.16
C LYS A 123 -14.34 5.99 2.11
N LEU A 124 -15.28 5.94 3.05
CA LEU A 124 -15.36 4.93 4.08
C LEU A 124 -16.61 4.08 3.85
N TRP A 125 -16.41 2.77 3.73
CA TRP A 125 -17.46 1.79 3.43
C TRP A 125 -17.55 0.81 4.58
N ASN A 126 -18.77 0.40 4.94
CA ASN A 126 -18.99 -0.49 6.08
C ASN A 126 -19.64 -1.77 5.59
N TRP A 127 -18.89 -2.88 5.65
CA TRP A 127 -19.41 -4.12 5.11
C TRP A 127 -20.49 -4.77 5.96
N GLU A 128 -20.64 -4.36 7.22
CA GLU A 128 -21.77 -4.86 8.02
C GLU A 128 -23.04 -4.09 7.74
N ASN A 129 -22.96 -2.99 7.00
CA ASN A 129 -24.12 -2.21 6.58
C ASN A 129 -24.25 -2.28 5.05
N ASN A 130 -24.15 -3.47 4.48
CA ASN A 130 -24.35 -3.65 3.04
C ASN A 130 -23.41 -2.77 2.23
N TRP A 131 -22.17 -2.61 2.71
CA TRP A 131 -21.15 -1.83 2.00
C TRP A 131 -21.59 -0.39 1.79
N ALA A 132 -22.39 0.14 2.72
CA ALA A 132 -22.84 1.52 2.61
C ALA A 132 -21.68 2.50 2.68
N LEU A 133 -21.78 3.58 1.91
CA LEU A 133 -20.91 4.73 2.07
C LEU A 133 -21.26 5.43 3.38
N GLU A 134 -20.35 5.41 4.34
CA GLU A 134 -20.62 6.01 5.64
C GLU A 134 -20.02 7.40 5.77
N GLN A 135 -18.96 7.73 5.03
CA GLN A 135 -18.39 9.06 5.09
C GLN A 135 -17.51 9.29 3.88
N THR A 136 -17.50 10.54 3.40
CA THR A 136 -16.56 11.01 2.40
C THR A 136 -15.69 12.09 3.01
N PHE A 137 -14.38 11.92 2.93
CA PHE A 137 -13.42 12.87 3.47
C PHE A 137 -12.94 13.77 2.34
N GLU A 138 -13.32 15.04 2.40
CA GLU A 138 -13.04 16.02 1.37
C GLU A 138 -12.06 17.05 1.91
N GLY A 139 -11.18 17.52 1.04
CA GLY A 139 -10.21 18.52 1.42
C GLY A 139 -8.96 18.50 0.56
N HIS A 140 -8.57 17.30 0.09
CA HIS A 140 -7.42 17.23 -0.78
C HIS A 140 -7.73 17.90 -2.12
N GLU A 141 -6.67 18.33 -2.81
CA GLU A 141 -6.81 19.08 -4.05
C GLU A 141 -6.18 18.39 -5.26
N HIS A 142 -5.75 17.13 -5.13
CA HIS A 142 -5.24 16.35 -6.25
C HIS A 142 -5.50 14.89 -5.90
N PHE A 143 -4.98 13.99 -6.74
CA PHE A 143 -5.29 12.56 -6.58
C PHE A 143 -4.84 12.07 -5.20
N VAL A 144 -5.70 11.30 -4.55
CA VAL A 144 -5.35 10.66 -3.29
C VAL A 144 -4.72 9.31 -3.62
N MET A 145 -3.41 9.19 -3.37
CA MET A 145 -2.62 8.06 -3.82
C MET A 145 -2.52 6.93 -2.82
N CYS A 146 -2.78 7.18 -1.54
CA CYS A 146 -2.50 6.18 -0.51
C CYS A 146 -3.29 6.53 0.72
N VAL A 147 -3.93 5.52 1.31
CA VAL A 147 -4.61 5.63 2.58
C VAL A 147 -4.07 4.55 3.52
N ALA A 148 -3.94 4.91 4.79
CA ALA A 148 -3.45 3.97 5.78
C ALA A 148 -3.99 4.31 7.16
N PHE A 149 -4.54 3.31 7.85
CA PHE A 149 -4.94 3.51 9.23
C PHE A 149 -3.71 3.61 10.14
N ASN A 150 -3.81 4.39 11.19
CA ASN A 150 -2.81 4.34 12.24
C ASN A 150 -3.02 3.05 13.02
N PRO A 151 -2.10 2.08 12.97
CA PRO A 151 -2.34 0.81 13.66
C PRO A 151 -2.47 0.95 15.17
N LYS A 152 -1.87 1.97 15.75
CA LYS A 152 -1.96 2.21 17.19
C LYS A 152 -3.18 3.01 17.58
N ASP A 153 -3.87 3.62 16.64
CA ASP A 153 -5.12 4.31 16.91
C ASP A 153 -5.89 4.34 15.62
N PRO A 154 -6.58 3.23 15.27
CA PRO A 154 -7.20 3.15 13.97
C PRO A 154 -8.53 3.89 13.89
N SER A 155 -8.86 4.70 14.90
CA SER A 155 -9.88 5.72 14.73
C SER A 155 -9.38 6.87 13.88
N THR A 156 -8.08 6.89 13.58
CA THR A 156 -7.48 7.89 12.70
C THR A 156 -6.78 7.17 11.55
N PHE A 157 -6.60 7.92 10.47
CA PHE A 157 -5.92 7.39 9.30
C PHE A 157 -5.28 8.55 8.56
N ALA A 158 -4.32 8.22 7.71
CA ALA A 158 -3.59 9.18 6.90
C ALA A 158 -3.90 8.98 5.43
N SER A 159 -3.96 10.08 4.71
CA SER A 159 -4.06 10.06 3.26
C SER A 159 -2.88 10.85 2.67
N GLY A 160 -2.23 10.25 1.68
CA GLY A 160 -1.14 10.88 0.96
C GLY A 160 -1.61 11.29 -0.42
N CYS A 161 -1.25 12.51 -0.84
CA CYS A 161 -1.89 13.09 -2.01
C CYS A 161 -0.88 13.80 -2.92
N LEU A 162 -1.19 13.82 -4.22
CA LEU A 162 -0.36 14.56 -5.17
C LEU A 162 -0.40 16.07 -4.94
N ASP A 163 -1.28 16.56 -4.07
CA ASP A 163 -1.32 17.96 -3.67
C ASP A 163 -0.20 18.32 -2.69
N ARG A 164 0.73 17.40 -2.45
CA ARG A 164 1.94 17.58 -1.68
C ARG A 164 1.69 17.52 -0.18
N THR A 165 0.53 17.05 0.25
CA THR A 165 0.23 16.94 1.67
C THR A 165 -0.11 15.52 2.08
N VAL A 166 0.03 15.27 3.38
CA VAL A 166 -0.63 14.16 4.05
C VAL A 166 -1.67 14.80 4.97
N LYS A 167 -2.89 14.28 4.94
CA LYS A 167 -3.90 14.66 5.91
C LYS A 167 -4.19 13.49 6.84
N VAL A 168 -4.31 13.78 8.14
CA VAL A 168 -4.66 12.79 9.14
C VAL A 168 -6.05 13.16 9.66
N TRP A 169 -6.94 12.17 9.64
CA TRP A 169 -8.35 12.36 9.88
C TRP A 169 -8.82 11.47 11.02
N SER A 170 -9.93 11.86 11.64
CA SER A 170 -10.65 11.02 12.59
C SER A 170 -11.95 10.54 11.97
N LEU A 171 -12.22 9.24 12.08
CA LEU A 171 -13.49 8.72 11.64
C LEU A 171 -14.62 9.47 12.32
N GLY A 172 -15.60 9.88 11.52
CA GLY A 172 -16.74 10.60 12.04
C GLY A 172 -16.59 12.10 12.10
N GLN A 173 -15.43 12.64 11.69
CA GLN A 173 -15.16 14.07 11.63
C GLN A 173 -14.77 14.48 10.22
N SER A 174 -15.21 15.67 9.80
CA SER A 174 -15.17 16.03 8.39
C SER A 174 -13.94 16.80 7.95
N THR A 175 -13.13 17.29 8.86
CA THR A 175 -11.91 18.01 8.49
C THR A 175 -10.71 17.30 9.09
N PRO A 176 -9.54 17.46 8.48
CA PRO A 176 -8.35 16.79 9.03
C PRO A 176 -8.05 17.25 10.44
N ASN A 177 -7.57 16.32 11.26
CA ASN A 177 -6.95 16.71 12.52
C ASN A 177 -5.74 17.58 12.25
N PHE A 178 -5.00 17.31 11.19
CA PHE A 178 -3.94 18.18 10.73
C PHE A 178 -3.59 17.82 9.30
N THR A 179 -2.96 18.79 8.62
CA THR A 179 -2.41 18.63 7.28
C THR A 179 -0.91 18.82 7.39
N LEU A 180 -0.16 17.87 6.88
CA LEU A 180 1.29 17.91 6.89
C LEU A 180 1.75 18.45 5.55
N THR A 181 2.48 19.56 5.57
CA THR A 181 3.13 20.08 4.38
C THR A 181 4.47 19.35 4.24
N THR A 182 4.60 18.53 3.22
CA THR A 182 5.75 17.63 3.17
C THR A 182 6.98 18.28 2.57
N GLY A 183 6.82 19.35 1.82
CA GLY A 183 7.90 19.85 1.01
C GLY A 183 8.30 18.93 -0.11
N GLN A 184 7.50 17.91 -0.41
CA GLN A 184 7.75 17.00 -1.53
C GLN A 184 6.90 17.54 -2.68
N GLU A 185 7.53 18.41 -3.49
CA GLU A 185 6.77 19.29 -4.36
C GLU A 185 6.18 18.57 -5.55
N ARG A 186 6.63 17.35 -5.86
CA ARG A 186 6.03 16.51 -6.89
C ARG A 186 4.86 15.66 -6.37
N GLY A 187 4.50 15.80 -5.10
CA GLY A 187 3.39 15.09 -4.48
C GLY A 187 3.83 13.92 -3.61
N VAL A 188 2.85 13.36 -2.92
CA VAL A 188 3.07 12.19 -2.07
C VAL A 188 2.39 10.99 -2.72
N ASN A 189 3.18 9.94 -2.98
CA ASN A 189 2.65 8.72 -3.57
C ASN A 189 2.27 7.67 -2.55
N TYR A 190 2.81 7.76 -1.34
CA TYR A 190 2.67 6.70 -0.36
C TYR A 190 2.84 7.29 1.03
N VAL A 191 2.10 6.76 1.99
CA VAL A 191 2.26 7.10 3.40
C VAL A 191 2.07 5.83 4.22
N ASP A 192 2.85 5.67 5.28
CA ASP A 192 2.84 4.48 6.12
C ASP A 192 3.17 4.91 7.54
N TYR A 193 2.68 4.15 8.50
CA TYR A 193 2.95 4.38 9.91
C TYR A 193 3.97 3.40 10.46
N TYR A 194 4.84 3.89 11.32
CA TYR A 194 5.67 3.00 12.14
C TYR A 194 4.77 2.27 13.13
N PRO A 195 4.88 0.95 13.28
CA PRO A 195 3.83 0.22 14.02
C PRO A 195 4.01 0.14 15.52
N LEU A 196 5.17 0.45 16.05
CA LEU A 196 5.43 0.20 17.46
C LEU A 196 5.23 1.47 18.29
N PRO A 197 4.96 1.33 19.59
CA PRO A 197 4.54 2.49 20.38
C PRO A 197 5.66 3.45 20.76
N ASP A 198 6.91 3.13 20.47
CA ASP A 198 8.00 3.98 20.96
C ASP A 198 8.22 5.25 20.12
N LYS A 199 7.71 5.31 18.88
CA LYS A 199 7.89 6.51 18.06
C LYS A 199 6.59 6.85 17.35
N PRO A 200 6.18 8.11 17.36
CA PRO A 200 4.98 8.53 16.59
C PRO A 200 5.38 8.94 15.18
N TYR A 201 5.81 7.97 14.39
CA TYR A 201 6.39 8.27 13.10
C TYR A 201 5.52 7.81 11.94
N MET A 202 5.60 8.59 10.87
CA MET A 202 5.01 8.27 9.58
CA MET A 202 5.01 8.29 9.59
C MET A 202 6.09 8.48 8.54
N ILE A 203 5.89 7.92 7.36
CA ILE A 203 6.89 8.00 6.29
C ILE A 203 6.17 8.25 4.97
N THR A 204 6.75 9.14 4.14
CA THR A 204 6.18 9.49 2.85
C THR A 204 7.20 9.31 1.74
N ALA A 205 6.70 8.92 0.57
CA ALA A 205 7.51 8.73 -0.63
C ALA A 205 6.98 9.58 -1.77
N SER A 206 7.89 10.08 -2.63
CA SER A 206 7.52 11.08 -3.64
C SER A 206 8.22 10.86 -4.97
N ASP A 207 7.58 11.37 -6.02
CA ASP A 207 8.22 11.52 -7.32
C ASP A 207 9.41 12.46 -7.28
N ASP A 208 9.58 13.26 -6.22
CA ASP A 208 10.73 14.16 -6.12
C ASP A 208 11.99 13.43 -5.65
N LEU A 209 11.94 12.09 -5.61
CA LEU A 209 13.05 11.20 -5.36
C LEU A 209 13.35 11.04 -3.88
N THR A 210 12.55 11.63 -2.97
CA THR A 210 12.83 11.58 -1.55
C THR A 210 11.83 10.71 -0.81
N ILE A 211 12.30 10.23 0.34
CA ILE A 211 11.50 9.61 1.38
C ILE A 211 11.69 10.45 2.63
N LYS A 212 10.62 10.78 3.33
CA LYS A 212 10.71 11.59 4.53
C LYS A 212 10.03 10.92 5.70
N ILE A 213 10.66 11.00 6.87
CA ILE A 213 10.15 10.46 8.12
C ILE A 213 9.65 11.64 8.95
N TRP A 214 8.46 11.51 9.52
CA TRP A 214 7.77 12.57 10.23
C TRP A 214 7.38 12.14 11.63
N ASP A 215 7.54 13.05 12.58
CA ASP A 215 6.93 12.92 13.91
C ASP A 215 5.53 13.52 13.79
N TYR A 216 4.50 12.69 13.94
CA TYR A 216 3.15 13.20 13.67
C TYR A 216 2.57 13.97 14.86
N GLN A 217 3.27 13.98 15.99
CA GLN A 217 2.87 14.85 17.10
C GLN A 217 3.36 16.27 16.90
N THR A 218 4.63 16.47 16.51
CA THR A 218 5.15 17.81 16.28
C THR A 218 5.06 18.28 14.84
N LYS A 219 4.84 17.38 13.88
CA LYS A 219 4.87 17.62 12.44
C LYS A 219 6.27 17.82 11.87
N SER A 220 7.31 17.61 12.66
CA SER A 220 8.65 17.86 12.16
C SER A 220 9.13 16.71 11.29
N CYS A 221 9.95 17.05 10.31
CA CYS A 221 10.65 16.06 9.52
C CYS A 221 11.88 15.61 10.31
N VAL A 222 11.88 14.33 10.66
CA VAL A 222 12.97 13.70 11.38
C VAL A 222 14.15 13.42 10.46
N ALA A 223 13.88 13.02 9.22
CA ALA A 223 14.94 12.61 8.32
C ALA A 223 14.43 12.57 6.88
N THR A 224 15.34 12.79 5.94
CA THR A 224 15.08 12.68 4.51
C THR A 224 16.04 11.66 3.95
N LEU A 225 15.51 10.63 3.30
CA LEU A 225 16.31 9.53 2.75
C LEU A 225 16.45 9.76 1.26
N GLU A 226 17.69 9.97 0.79
CA GLU A 226 17.95 10.23 -0.61
C GLU A 226 18.79 9.11 -1.19
N GLY A 227 18.54 8.81 -2.46
CA GLY A 227 19.32 7.81 -3.16
C GLY A 227 18.61 7.19 -4.34
N HIS A 228 17.29 7.12 -4.31
CA HIS A 228 16.57 6.64 -5.48
C HIS A 228 16.71 7.62 -6.64
N MET A 229 16.67 7.08 -7.87
CA MET A 229 16.94 7.85 -9.08
C MET A 229 15.72 8.05 -9.95
N SER A 230 14.57 7.54 -9.54
CA SER A 230 13.33 7.87 -10.19
C SER A 230 12.24 7.84 -9.13
N ASN A 231 11.00 8.04 -9.56
CA ASN A 231 9.86 8.16 -8.65
C ASN A 231 9.92 7.08 -7.57
N VAL A 232 9.69 7.46 -6.31
CA VAL A 232 9.65 6.49 -5.23
C VAL A 232 8.19 6.07 -5.06
N SER A 233 7.90 4.79 -5.33
CA SER A 233 6.53 4.29 -5.34
C SER A 233 6.00 4.03 -3.93
N PHE A 234 6.88 3.68 -3.01
CA PHE A 234 6.48 3.35 -1.64
C PHE A 234 7.69 3.40 -0.74
N ALA A 235 7.43 3.55 0.55
CA ALA A 235 8.41 3.35 1.59
C ALA A 235 7.66 2.95 2.85
N VAL A 236 8.12 1.89 3.51
CA VAL A 236 7.42 1.40 4.69
C VAL A 236 8.42 1.02 5.77
N PHE A 237 7.93 1.02 7.01
CA PHE A 237 8.67 0.48 8.14
C PHE A 237 8.40 -1.03 8.21
N HIS A 238 9.43 -1.82 8.35
CA HIS A 238 9.19 -3.24 8.54
C HIS A 238 8.60 -3.47 9.93
N PRO A 239 7.65 -4.40 10.06
CA PRO A 239 6.94 -4.53 11.36
C PRO A 239 7.74 -5.17 12.46
N THR A 240 8.84 -5.83 12.15
CA THR A 240 9.65 -6.50 13.15
C THR A 240 11.10 -6.05 13.17
N LEU A 241 11.70 -5.82 12.00
CA LEU A 241 13.11 -5.47 11.88
C LEU A 241 13.30 -3.96 11.87
N PRO A 242 14.43 -3.48 12.37
CA PRO A 242 14.70 -2.04 12.43
C PRO A 242 15.17 -1.50 11.10
N ILE A 243 14.31 -1.61 10.08
CA ILE A 243 14.66 -1.17 8.74
C ILE A 243 13.44 -0.53 8.10
N ILE A 244 13.71 0.22 7.04
CA ILE A 244 12.71 0.80 6.14
C ILE A 244 12.97 0.18 4.79
N ILE A 245 11.90 -0.14 4.05
CA ILE A 245 12.02 -0.71 2.72
C ILE A 245 11.32 0.22 1.75
N SER A 246 12.01 0.59 0.67
CA SER A 246 11.44 1.45 -0.37
C SER A 246 11.64 0.80 -1.73
N GLY A 247 10.87 1.28 -2.70
CA GLY A 247 10.97 0.80 -4.07
C GLY A 247 10.63 1.91 -5.03
N SER A 248 11.18 1.81 -6.24
CA SER A 248 11.20 2.93 -7.16
C SER A 248 11.06 2.49 -8.62
N GLU A 249 10.62 3.45 -9.43
CA GLU A 249 10.66 3.29 -10.88
C GLU A 249 12.08 3.22 -11.41
N ASP A 250 13.09 3.41 -10.54
CA ASP A 250 14.47 3.11 -10.95
C ASP A 250 14.77 1.62 -10.95
N GLY A 251 13.81 0.78 -10.61
CA GLY A 251 13.95 -0.65 -10.63
C GLY A 251 14.55 -1.28 -9.40
N THR A 252 14.79 -0.51 -8.35
CA THR A 252 15.44 -1.02 -7.16
C THR A 252 14.49 -1.05 -5.98
N LEU A 253 14.78 -1.98 -5.08
CA LEU A 253 14.37 -1.94 -3.69
C LEU A 253 15.56 -1.45 -2.87
N LYS A 254 15.30 -0.62 -1.87
CA LYS A 254 16.35 -0.18 -0.97
C LYS A 254 15.92 -0.49 0.45
N ILE A 255 16.86 -0.98 1.24
CA ILE A 255 16.67 -1.24 2.66
C ILE A 255 17.52 -0.24 3.40
N TRP A 256 16.92 0.48 4.33
CA TRP A 256 17.59 1.54 5.07
C TRP A 256 17.53 1.23 6.55
N ASN A 257 18.61 1.56 7.26
CA ASN A 257 18.64 1.43 8.70
C ASN A 257 17.68 2.45 9.32
N SER A 258 16.76 1.97 10.15
CA SER A 258 15.71 2.85 10.66
C SER A 258 16.18 3.73 11.81
N SER A 259 17.42 3.57 12.25
CA SER A 259 17.99 4.39 13.31
C SER A 259 18.94 5.45 12.77
N THR A 260 19.81 5.09 11.84
CA THR A 260 20.75 6.03 11.25
C THR A 260 20.25 6.60 9.92
N TYR A 261 19.25 5.97 9.32
CA TYR A 261 18.67 6.39 8.05
C TYR A 261 19.64 6.28 6.88
N LYS A 262 20.67 5.44 7.02
CA LYS A 262 21.59 5.17 5.94
C LYS A 262 21.14 3.92 5.18
N VAL A 263 21.35 3.95 3.86
CA VAL A 263 21.04 2.78 3.05
C VAL A 263 21.93 1.63 3.46
N GLU A 264 21.34 0.45 3.58
CA GLU A 264 22.07 -0.77 3.93
C GLU A 264 22.17 -1.75 2.77
N LYS A 265 21.20 -1.75 1.87
CA LYS A 265 21.23 -2.66 0.74
C LYS A 265 20.40 -2.09 -0.39
N THR A 266 20.88 -2.24 -1.62
CA THR A 266 20.13 -1.91 -2.83
C THR A 266 20.02 -3.19 -3.65
N LEU A 267 18.80 -3.57 -3.99
CA LEU A 267 18.55 -4.78 -4.76
C LEU A 267 17.94 -4.42 -6.10
N ASN A 268 18.50 -4.95 -7.19
CA ASN A 268 17.79 -4.90 -8.47
C ASN A 268 17.40 -6.34 -8.80
N VAL A 269 16.12 -6.68 -8.55
CA VAL A 269 15.65 -8.05 -8.71
C VAL A 269 15.36 -8.39 -10.16
N GLY A 270 15.51 -7.43 -11.07
CA GLY A 270 15.48 -7.74 -12.49
C GLY A 270 14.11 -7.72 -13.11
N LEU A 271 13.15 -7.02 -12.50
CA LEU A 271 11.77 -7.01 -12.97
C LEU A 271 11.33 -5.62 -13.43
N GLU A 272 12.28 -4.72 -13.66
CA GLU A 272 12.04 -3.33 -14.06
C GLU A 272 11.35 -2.55 -12.93
N ARG A 273 10.45 -1.63 -13.25
CA ARG A 273 10.02 -0.66 -12.23
C ARG A 273 9.27 -1.33 -11.09
N SER A 274 9.52 -0.84 -9.87
CA SER A 274 8.82 -1.31 -8.68
C SER A 274 7.64 -0.41 -8.36
N TRP A 275 6.51 -1.01 -8.02
CA TRP A 275 5.26 -0.30 -7.81
C TRP A 275 4.62 -0.46 -6.44
N CYS A 276 4.83 -1.57 -5.74
CA CYS A 276 4.03 -1.86 -4.56
C CYS A 276 4.79 -2.80 -3.63
N ILE A 277 4.36 -2.81 -2.37
CA ILE A 277 5.04 -3.54 -1.31
C ILE A 277 4.03 -4.13 -0.34
N ALA A 278 4.42 -5.25 0.27
CA ALA A 278 3.72 -5.79 1.43
C ALA A 278 4.74 -6.42 2.37
N THR A 279 4.44 -6.39 3.65
CA THR A 279 5.26 -7.04 4.67
C THR A 279 4.36 -8.01 5.44
N HIS A 280 4.92 -9.16 5.78
CA HIS A 280 4.11 -10.14 6.49
C HIS A 280 3.86 -9.62 7.88
N PRO A 281 2.61 -9.49 8.31
CA PRO A 281 2.32 -8.74 9.55
C PRO A 281 2.96 -9.35 10.78
N THR A 282 2.95 -10.67 10.88
CA THR A 282 3.47 -11.34 12.05
C THR A 282 4.97 -11.55 11.97
N GLY A 283 5.62 -11.00 10.94
CA GLY A 283 7.05 -11.22 10.76
C GLY A 283 7.45 -12.64 10.45
N ARG A 284 6.51 -13.49 10.03
CA ARG A 284 6.86 -14.82 9.56
C ARG A 284 8.05 -14.77 8.61
N LYS A 285 9.21 -15.33 9.01
CA LYS A 285 10.42 -15.39 8.19
C LYS A 285 10.88 -14.02 7.69
N ASN A 286 10.37 -12.94 8.30
CA ASN A 286 10.68 -11.59 7.87
C ASN A 286 10.40 -11.42 6.38
N TYR A 287 9.27 -11.96 5.94
CA TYR A 287 8.89 -11.93 4.53
C TYR A 287 8.48 -10.53 4.11
N ILE A 288 8.93 -10.11 2.91
CA ILE A 288 8.39 -8.96 2.20
C ILE A 288 8.04 -9.42 0.79
N ALA A 289 7.16 -8.66 0.13
CA ALA A 289 6.86 -8.93 -1.26
C ALA A 289 6.74 -7.62 -2.00
N SER A 290 7.20 -7.56 -3.23
CA SER A 290 7.07 -6.37 -4.03
C SER A 290 6.64 -6.72 -5.44
N GLY A 291 5.85 -5.83 -6.02
CA GLY A 291 5.33 -5.97 -7.37
C GLY A 291 5.98 -4.97 -8.30
N PHE A 292 6.21 -5.42 -9.53
CA PHE A 292 7.01 -4.72 -10.53
C PHE A 292 6.35 -4.80 -11.90
N ASP A 293 6.93 -4.07 -12.86
CA ASP A 293 6.51 -4.16 -14.26
C ASP A 293 6.37 -5.59 -14.74
N ASN A 294 7.31 -6.47 -14.38
CA ASN A 294 7.38 -7.78 -15.02
C ASN A 294 7.08 -8.94 -14.08
N GLY A 295 6.57 -8.67 -12.89
CA GLY A 295 6.17 -9.73 -11.99
C GLY A 295 6.34 -9.31 -10.54
N PHE A 296 6.50 -10.29 -9.67
CA PHE A 296 6.63 -10.04 -8.26
C PHE A 296 7.72 -10.90 -7.67
N THR A 297 8.18 -10.52 -6.50
CA THR A 297 9.08 -11.35 -5.73
C THR A 297 8.69 -11.35 -4.26
N VAL A 298 8.84 -12.50 -3.62
CA VAL A 298 8.70 -12.68 -2.18
C VAL A 298 10.09 -13.01 -1.65
N LEU A 299 10.57 -12.20 -0.71
CA LEU A 299 11.89 -12.34 -0.13
C LEU A 299 11.76 -12.59 1.35
N SER A 300 12.64 -13.44 1.90
CA SER A 300 12.85 -13.53 3.33
C SER A 300 14.10 -12.71 3.65
N LEU A 301 13.97 -11.76 4.59
CA LEU A 301 15.08 -10.84 4.82
C LEU A 301 16.14 -11.40 5.76
N GLY A 302 15.82 -12.44 6.52
CA GLY A 302 16.77 -13.06 7.42
C GLY A 302 16.07 -14.07 8.33
N VAL B 2 -4.90 15.02 -19.47
CA VAL B 2 -3.97 13.93 -19.29
C VAL B 2 -4.10 13.33 -17.90
N LYS B 3 -3.99 12.00 -17.83
CA LYS B 3 -3.96 11.29 -16.56
C LYS B 3 -2.52 11.20 -16.06
N LEU B 4 -2.22 11.90 -14.97
CA LEU B 4 -0.94 11.71 -14.31
C LEU B 4 -0.94 10.32 -13.65
N HIS B 5 0.25 9.77 -13.44
CA HIS B 5 0.39 8.43 -12.86
C HIS B 5 -0.50 7.43 -13.56
N TYR B 6 -0.45 7.45 -14.89
CA TYR B 6 -1.26 6.54 -15.67
C TYR B 6 -0.71 5.13 -15.66
N THR B 7 0.61 4.98 -15.58
CA THR B 7 1.25 3.68 -15.55
C THR B 7 1.04 2.96 -14.22
#